data_9KMF
#
_entry.id   9KMF
#
_cell.length_a   43.670
_cell.length_b   71.748
_cell.length_c   168.896
_cell.angle_alpha   90.000
_cell.angle_beta   90.000
_cell.angle_gamma   90.000
#
_symmetry.space_group_name_H-M   'P 21 21 21'
#
loop_
_entity.id
_entity.type
_entity.pdbx_description
1 polymer 'Alpha/beta hydrolase'
2 non-polymer 2-AMINO-2-HYDROXYMETHYL-PROPANE-1,3-DIOL
3 non-polymer GLYCEROL
4 non-polymer 'CALCIUM ION'
5 non-polymer 1,2-ETHANEDIOL
6 water water
#
_entity_poly.entity_id   1
_entity_poly.type   'polypeptide(L)'
_entity_poly.pdbx_seq_one_letter_code
;GGAENDYERGPDPTSSSIEASRGPYAVSTKSISRFAARGFGGGTIHYPTTTADGTFGVVAVSPGYTASESTIRWLGPRLA
SFGFVVITFDTNSRYDQPRARGTQLLAAIDQAIGDSTVGSRIDPSRQAVVGHSMGGGGTLEAAKTRPSIEAAVGLTPWNL
DKTWPEVEAAALQIGAQNDSVAPPRSHAVPFYGSLTNAERRAYLELRGASHFAPNTSNTTIAKYTLAWLKRYVDDDTRYE
QFLAPGPSTGFGSAVSDYRIQ
;
_entity_poly.pdbx_strand_id   A,B
#
loop_
_chem_comp.id
_chem_comp.type
_chem_comp.name
_chem_comp.formula
CA non-polymer 'CALCIUM ION' 'Ca 2'
EDO non-polymer 1,2-ETHANEDIOL 'C2 H6 O2'
GOL non-polymer GLYCEROL 'C3 H8 O3'
TRS non-polymer 2-AMINO-2-HYDROXYMETHYL-PROPANE-1,3-DIOL 'C4 H12 N O3 1'
#
# COMPACT_ATOMS: atom_id res chain seq x y z
N GLU A 4 9.94 8.56 27.47
CA GLU A 4 10.86 7.97 26.45
C GLU A 4 10.14 8.01 25.09
N ASN A 5 10.79 8.57 24.07
CA ASN A 5 10.20 8.63 22.73
C ASN A 5 11.28 8.42 21.65
N ASP A 6 11.16 7.26 21.00
CA ASP A 6 11.96 6.80 19.87
C ASP A 6 11.84 7.75 18.66
N TYR A 7 10.76 8.57 18.58
CA TYR A 7 10.44 9.28 17.33
C TYR A 7 10.85 10.74 17.33
N GLU A 8 11.48 11.28 18.40
CA GLU A 8 11.89 12.66 18.41
C GLU A 8 13.03 12.85 17.41
N ARG A 9 12.93 13.94 16.65
CA ARG A 9 13.94 14.32 15.69
C ARG A 9 14.26 15.80 15.89
N GLY A 10 15.53 16.18 15.69
CA GLY A 10 15.90 17.57 15.69
C GLY A 10 16.10 18.15 17.10
N PRO A 11 16.66 19.37 17.17
CA PRO A 11 16.89 20.01 18.47
C PRO A 11 15.61 20.42 19.16
N ASP A 12 15.72 20.77 20.43
CA ASP A 12 14.59 21.28 21.15
C ASP A 12 14.09 22.54 20.47
N PRO A 13 12.77 22.68 20.25
CA PRO A 13 12.26 23.80 19.46
C PRO A 13 12.11 25.08 20.25
N THR A 14 12.08 26.18 19.51
CA THR A 14 11.76 27.51 20.01
C THR A 14 10.78 28.18 19.05
N SER A 15 10.18 29.31 19.43
CA SER A 15 9.31 30.05 18.51
C SER A 15 10.07 30.39 17.24
N SER A 16 11.33 30.78 17.38
CA SER A 16 12.14 31.15 16.24
C SER A 16 12.37 29.94 15.33
N SER A 17 12.69 28.80 15.92
CA SER A 17 13.04 27.62 15.14
C SER A 17 11.87 27.16 14.28
N ILE A 18 10.66 27.19 14.84
CA ILE A 18 9.49 26.63 14.15
C ILE A 18 8.99 27.61 13.12
N GLU A 19 9.44 28.86 13.15
CA GLU A 19 9.08 29.86 12.16
C GLU A 19 10.07 29.88 10.98
N ALA A 20 11.19 29.18 11.10
CA ALA A 20 12.24 29.29 10.09
C ALA A 20 11.78 28.69 8.76
N SER A 21 12.22 29.25 7.64
CA SER A 21 11.84 28.77 6.32
CA SER A 21 11.85 28.77 6.32
C SER A 21 12.28 27.32 6.09
N ARG A 22 13.41 26.94 6.66
CA ARG A 22 13.92 25.58 6.62
CA ARG A 22 13.87 25.57 6.63
C ARG A 22 14.30 25.15 8.03
N GLY A 23 14.01 23.92 8.39
CA GLY A 23 14.49 23.30 9.60
C GLY A 23 15.90 22.76 9.41
N PRO A 24 16.30 21.87 10.30
CA PRO A 24 17.70 21.46 10.34
C PRO A 24 18.10 20.42 9.32
N TYR A 25 17.16 19.80 8.59
CA TYR A 25 17.47 18.74 7.64
C TYR A 25 17.59 19.34 6.25
N ALA A 26 18.65 18.93 5.53
CA ALA A 26 18.77 19.06 4.09
C ALA A 26 17.71 18.14 3.48
N VAL A 27 17.16 18.64 2.37
CA VAL A 27 16.07 17.94 1.70
C VAL A 27 16.48 17.46 0.32
N SER A 28 16.06 16.22 -0.01
CA SER A 28 16.19 15.65 -1.32
C SER A 28 14.78 15.55 -1.92
N THR A 29 14.70 15.39 -3.25
CA THR A 29 13.38 15.32 -3.89
CA THR A 29 13.45 15.49 -4.02
C THR A 29 13.40 14.29 -4.99
N LYS A 30 12.25 13.67 -5.16
CA LYS A 30 12.02 12.69 -6.20
C LYS A 30 10.70 12.99 -6.86
N SER A 31 10.69 13.18 -8.18
CA SER A 31 9.49 13.45 -8.94
CA SER A 31 9.51 13.45 -8.96
CA SER A 31 9.50 13.45 -8.96
C SER A 31 8.82 12.16 -9.37
N ILE A 32 7.50 12.19 -9.41
CA ILE A 32 6.67 11.10 -9.89
C ILE A 32 5.76 11.68 -10.96
N SER A 33 5.88 11.22 -12.20
CA SER A 33 5.04 11.69 -13.28
C SER A 33 3.59 11.25 -13.07
N ARG A 34 2.67 11.89 -13.77
CA ARG A 34 1.28 11.51 -13.73
C ARG A 34 1.11 10.04 -14.03
N PHE A 35 1.86 9.50 -15.00
CA PHE A 35 1.62 8.12 -15.42
C PHE A 35 2.39 7.10 -14.58
N ALA A 36 3.34 7.57 -13.76
CA ALA A 36 4.05 6.73 -12.80
C ALA A 36 3.35 6.71 -11.46
N ALA A 37 2.33 7.51 -11.26
CA ALA A 37 1.59 7.58 -10.01
C ALA A 37 0.43 6.60 -10.00
N ARG A 38 0.26 5.89 -8.89
CA ARG A 38 -0.77 4.91 -8.73
C ARG A 38 -1.87 5.53 -7.87
N GLY A 39 -2.96 5.97 -8.48
CA GLY A 39 -4.12 6.43 -7.75
C GLY A 39 -4.15 7.93 -7.52
N PHE A 40 -3.25 8.69 -8.10
CA PHE A 40 -3.23 10.15 -8.01
C PHE A 40 -2.54 10.67 -9.24
N GLY A 41 -2.44 11.98 -9.41
CA GLY A 41 -2.04 12.59 -10.69
C GLY A 41 -0.57 12.98 -10.84
N GLY A 42 0.29 12.37 -10.06
CA GLY A 42 1.71 12.71 -10.09
C GLY A 42 2.03 13.64 -8.93
N GLY A 43 3.32 13.77 -8.63
CA GLY A 43 3.68 14.63 -7.53
C GLY A 43 5.17 14.60 -7.27
N THR A 44 5.54 15.04 -6.08
CA THR A 44 6.92 15.22 -5.69
C THR A 44 7.07 14.72 -4.26
N ILE A 45 8.04 13.84 -4.03
CA ILE A 45 8.39 13.44 -2.67
C ILE A 45 9.56 14.25 -2.19
N HIS A 46 9.43 14.87 -1.05
CA HIS A 46 10.46 15.68 -0.39
C HIS A 46 10.87 14.92 0.85
N TYR A 47 12.18 14.69 1.07
CA TYR A 47 12.58 13.81 2.15
C TYR A 47 13.90 14.29 2.74
N PRO A 48 14.15 14.07 4.05
CA PRO A 48 15.47 14.40 4.59
C PRO A 48 16.54 13.57 3.92
N THR A 49 17.59 14.22 3.41
CA THR A 49 18.68 13.48 2.79
C THR A 49 19.33 12.47 3.74
N THR A 50 19.53 12.85 5.00
CA THR A 50 20.26 11.97 5.90
C THR A 50 19.43 10.78 6.34
N THR A 51 20.07 9.65 6.51
CA THR A 51 19.53 8.48 7.17
C THR A 51 20.10 8.36 8.62
N ALA A 52 20.93 9.29 9.05
CA ALA A 52 21.67 9.12 10.31
C ALA A 52 20.78 9.16 11.54
N ASP A 53 19.56 9.72 11.44
CA ASP A 53 18.74 9.97 12.61
C ASP A 53 17.59 8.99 12.74
N GLY A 54 17.46 8.04 11.82
CA GLY A 54 16.35 7.10 11.78
C GLY A 54 15.31 7.45 10.69
N THR A 55 14.21 6.71 10.76
CA THR A 55 13.11 6.91 9.82
C THR A 55 12.22 8.05 10.32
N PHE A 56 11.30 8.46 9.44
CA PHE A 56 10.43 9.60 9.67
C PHE A 56 9.00 9.20 9.35
N GLY A 57 8.06 9.96 9.88
CA GLY A 57 6.69 9.83 9.43
C GLY A 57 6.48 10.37 8.01
N VAL A 58 5.37 9.95 7.42
CA VAL A 58 5.02 10.28 6.04
C VAL A 58 3.76 11.13 6.01
N VAL A 59 3.82 12.21 5.22
CA VAL A 59 2.79 13.24 5.17
C VAL A 59 2.41 13.47 3.72
N ALA A 60 1.14 13.38 3.35
CA ALA A 60 0.70 13.76 2.01
C ALA A 60 -0.02 15.10 2.08
N VAL A 61 0.16 15.90 1.03
CA VAL A 61 -0.37 17.26 0.96
C VAL A 61 -1.18 17.44 -0.33
N SER A 62 -2.50 17.65 -0.19
CA SER A 62 -3.40 17.80 -1.32
C SER A 62 -3.68 19.26 -1.66
N PRO A 63 -3.72 19.62 -2.96
CA PRO A 63 -4.28 20.90 -3.37
C PRO A 63 -5.80 20.89 -3.28
N GLY A 64 -6.35 22.08 -3.58
CA GLY A 64 -7.78 22.29 -3.54
C GLY A 64 -8.43 22.31 -4.91
N TYR A 65 -9.75 22.59 -4.88
CA TYR A 65 -10.56 22.60 -6.08
C TYR A 65 -10.02 23.57 -7.13
N THR A 66 -9.92 23.09 -8.33
CA THR A 66 -9.40 23.76 -9.53
C THR A 66 -7.88 23.82 -9.59
N ALA A 67 -7.17 23.38 -8.54
CA ALA A 67 -5.79 23.80 -8.34
C ALA A 67 -4.76 22.73 -8.66
N SER A 68 -3.59 23.20 -9.06
CA SER A 68 -2.44 22.33 -9.29
CA SER A 68 -2.38 22.43 -9.31
C SER A 68 -1.61 22.20 -8.01
N GLU A 69 -0.73 21.19 -8.03
CA GLU A 69 0.25 20.95 -6.98
CA GLU A 69 0.22 20.95 -6.96
C GLU A 69 1.03 22.20 -6.61
N SER A 70 1.29 23.07 -7.62
CA SER A 70 2.07 24.26 -7.36
C SER A 70 1.50 25.12 -6.25
N THR A 71 0.19 25.07 -6.01
CA THR A 71 -0.44 25.90 -4.99
C THR A 71 -0.15 25.48 -3.56
N ILE A 72 0.33 24.23 -3.36
CA ILE A 72 0.67 23.77 -2.03
C ILE A 72 2.10 23.24 -1.96
N ARG A 73 2.87 23.39 -3.04
CA ARG A 73 4.20 22.81 -3.13
CA ARG A 73 4.18 22.75 -3.08
C ARG A 73 5.12 23.31 -2.01
N TRP A 74 4.98 24.58 -1.65
CA TRP A 74 5.86 25.20 -0.65
C TRP A 74 5.91 24.45 0.67
N LEU A 75 4.83 23.74 1.03
CA LEU A 75 4.81 22.95 2.25
C LEU A 75 5.74 21.74 2.21
N GLY A 76 6.04 21.26 1.01
CA GLY A 76 6.86 20.06 0.84
C GLY A 76 8.26 20.23 1.38
N PRO A 77 9.05 21.16 0.82
CA PRO A 77 10.41 21.30 1.31
C PRO A 77 10.41 21.82 2.75
N ARG A 78 9.47 22.70 3.09
CA ARG A 78 9.50 23.32 4.39
C ARG A 78 9.27 22.24 5.45
N LEU A 79 8.17 21.49 5.33
CA LEU A 79 7.88 20.45 6.32
C LEU A 79 8.97 19.38 6.31
N ALA A 80 9.40 18.96 5.12
CA ALA A 80 10.39 17.90 5.08
C ALA A 80 11.66 18.27 5.82
N SER A 81 12.03 19.55 5.74
CA SER A 81 13.27 20.03 6.34
C SER A 81 13.21 19.98 7.86
N PHE A 82 12.03 19.74 8.46
CA PHE A 82 11.95 19.52 9.89
C PHE A 82 11.90 18.06 10.29
N GLY A 83 11.97 17.14 9.34
CA GLY A 83 12.03 15.73 9.60
C GLY A 83 10.76 14.97 9.26
N PHE A 84 10.33 15.03 7.99
CA PHE A 84 9.15 14.29 7.52
C PHE A 84 9.43 13.91 6.08
N VAL A 85 8.87 12.79 5.65
CA VAL A 85 8.82 12.51 4.23
C VAL A 85 7.50 13.04 3.70
N VAL A 86 7.52 14.01 2.77
CA VAL A 86 6.31 14.76 2.42
C VAL A 86 6.06 14.62 0.94
N ILE A 87 4.88 14.15 0.57
CA ILE A 87 4.51 14.04 -0.82
C ILE A 87 3.46 15.09 -1.17
N THR A 88 3.82 16.04 -2.05
CA THR A 88 2.89 17.02 -2.58
C THR A 88 2.42 16.48 -3.91
N PHE A 89 1.17 16.64 -4.31
CA PHE A 89 0.71 15.97 -5.50
C PHE A 89 -0.38 16.74 -6.25
N ASP A 90 -0.56 16.33 -7.53
CA ASP A 90 -1.71 16.70 -8.33
C ASP A 90 -2.75 15.63 -8.19
N THR A 91 -4.01 16.03 -8.27
CA THR A 91 -5.13 15.11 -8.28
C THR A 91 -5.41 14.56 -9.69
N ASN A 92 -6.18 13.49 -9.74
CA ASN A 92 -6.59 12.89 -11.01
C ASN A 92 -7.35 13.92 -11.85
N SER A 93 -8.25 14.67 -11.24
CA SER A 93 -8.93 15.79 -11.88
C SER A 93 -8.76 17.03 -11.01
N ARG A 94 -8.54 18.18 -11.61
CA ARG A 94 -8.56 19.42 -10.86
C ARG A 94 -9.91 19.66 -10.21
N TYR A 95 -10.97 18.99 -10.64
CA TYR A 95 -12.29 19.24 -10.08
C TYR A 95 -12.75 18.10 -9.18
N ASP A 96 -11.83 17.24 -8.74
CA ASP A 96 -12.15 16.21 -7.77
C ASP A 96 -12.73 16.83 -6.49
N GLN A 97 -13.68 16.10 -5.92
CA GLN A 97 -14.35 16.48 -4.68
C GLN A 97 -13.59 15.95 -3.45
N PRO A 98 -13.99 16.33 -2.23
CA PRO A 98 -13.27 15.84 -1.04
C PRO A 98 -13.14 14.33 -0.89
N ARG A 99 -14.16 13.54 -1.20
CA ARG A 99 -14.02 12.09 -1.07
C ARG A 99 -12.89 11.57 -1.94
N ALA A 100 -12.87 11.99 -3.19
CA ALA A 100 -11.82 11.57 -4.11
C ALA A 100 -10.47 12.05 -3.62
N ARG A 101 -10.37 13.26 -3.09
CA ARG A 101 -9.12 13.77 -2.57
C ARG A 101 -8.64 12.95 -1.37
N GLY A 102 -9.57 12.52 -0.54
CA GLY A 102 -9.20 11.63 0.56
C GLY A 102 -8.58 10.35 0.06
N THR A 103 -9.17 9.72 -0.94
CA THR A 103 -8.64 8.50 -1.51
C THR A 103 -7.26 8.74 -2.09
N GLN A 104 -7.05 9.89 -2.73
CA GLN A 104 -5.78 10.21 -3.34
C GLN A 104 -4.70 10.57 -2.31
N LEU A 105 -5.06 11.22 -1.19
CA LEU A 105 -4.13 11.36 -0.09
C LEU A 105 -3.58 10.01 0.34
N LEU A 106 -4.47 9.05 0.51
CA LEU A 106 -4.03 7.73 0.95
C LEU A 106 -3.20 7.04 -0.12
N ALA A 107 -3.52 7.24 -1.39
CA ALA A 107 -2.76 6.65 -2.48
C ALA A 107 -1.36 7.26 -2.52
N ALA A 108 -1.23 8.57 -2.30
CA ALA A 108 0.07 9.21 -2.29
C ALA A 108 0.92 8.67 -1.15
N ILE A 109 0.34 8.57 0.05
CA ILE A 109 1.05 7.96 1.19
C ILE A 109 1.53 6.57 0.82
N ASP A 110 0.65 5.77 0.26
CA ASP A 110 0.97 4.38 0.02
C ASP A 110 2.06 4.25 -1.05
N GLN A 111 2.07 5.13 -2.07
CA GLN A 111 3.11 5.05 -3.07
C GLN A 111 4.45 5.44 -2.44
N ALA A 112 4.50 6.45 -1.58
CA ALA A 112 5.73 6.81 -0.91
C ALA A 112 6.23 5.66 -0.04
N ILE A 113 5.32 5.04 0.72
CA ILE A 113 5.70 3.92 1.59
C ILE A 113 6.42 2.80 0.83
N GLY A 114 5.97 2.54 -0.40
CA GLY A 114 6.52 1.45 -1.19
C GLY A 114 7.65 1.86 -2.11
N ASP A 115 8.01 3.13 -2.16
CA ASP A 115 8.92 3.66 -3.17
C ASP A 115 10.34 3.13 -2.95
N SER A 116 11.06 2.92 -4.06
CA SER A 116 12.38 2.31 -4.00
C SER A 116 13.42 3.25 -3.37
N THR A 117 13.20 4.56 -3.38
CA THR A 117 14.12 5.53 -2.84
C THR A 117 13.78 5.84 -1.39
N VAL A 118 12.50 6.12 -1.12
CA VAL A 118 12.13 6.68 0.17
C VAL A 118 11.44 5.67 1.07
N GLY A 119 11.02 4.50 0.61
CA GLY A 119 10.33 3.57 1.48
C GLY A 119 11.13 3.23 2.74
N SER A 120 12.45 3.06 2.61
CA SER A 120 13.31 2.72 3.73
C SER A 120 13.53 3.90 4.65
N ARG A 121 13.04 5.10 4.29
CA ARG A 121 13.18 6.27 5.13
CA ARG A 121 13.16 6.31 5.09
C ARG A 121 11.90 6.58 5.91
N ILE A 122 10.85 5.81 5.66
CA ILE A 122 9.54 6.06 6.25
C ILE A 122 9.24 5.01 7.31
N ASP A 123 8.64 5.46 8.42
CA ASP A 123 7.96 4.58 9.34
C ASP A 123 6.49 4.52 8.94
N PRO A 124 6.03 3.43 8.29
CA PRO A 124 4.68 3.41 7.74
C PRO A 124 3.60 3.42 8.79
N SER A 125 3.92 3.19 10.05
CA SER A 125 2.96 3.25 11.12
C SER A 125 2.60 4.69 11.45
N ARG A 126 3.29 5.70 10.93
CA ARG A 126 3.13 7.09 11.33
C ARG A 126 2.83 7.96 10.12
N GLN A 127 1.54 8.14 9.83
CA GLN A 127 1.07 8.80 8.64
C GLN A 127 0.23 10.02 8.99
N ALA A 128 0.27 11.02 8.11
CA ALA A 128 -0.52 12.23 8.26
C ALA A 128 -0.94 12.78 6.90
N VAL A 129 -2.00 13.60 6.95
CA VAL A 129 -2.60 14.20 5.78
C VAL A 129 -2.81 15.69 6.01
N VAL A 130 -2.47 16.49 5.01
CA VAL A 130 -2.62 17.94 5.00
C VAL A 130 -3.29 18.31 3.68
N GLY A 131 -4.15 19.34 3.66
CA GLY A 131 -4.69 19.77 2.38
C GLY A 131 -5.35 21.12 2.44
N HIS A 132 -5.41 21.77 1.27
CA HIS A 132 -6.07 23.06 1.11
C HIS A 132 -7.45 22.89 0.50
N SER A 133 -8.47 23.59 1.04
CA SER A 133 -9.76 23.69 0.36
CA SER A 133 -9.78 23.71 0.42
C SER A 133 -10.40 22.32 0.32
N MET A 134 -10.86 21.84 -0.81
CA MET A 134 -11.42 20.50 -0.86
C MET A 134 -10.37 19.45 -0.47
N GLY A 135 -9.08 19.74 -0.63
CA GLY A 135 -8.03 18.88 -0.11
C GLY A 135 -8.03 18.84 1.40
N GLY A 136 -8.36 19.97 2.03
CA GLY A 136 -8.52 20.02 3.47
C GLY A 136 -9.75 19.23 3.90
N GLY A 137 -10.85 19.31 3.15
CA GLY A 137 -11.96 18.41 3.35
C GLY A 137 -11.57 16.96 3.17
N GLY A 138 -10.68 16.71 2.22
CA GLY A 138 -10.14 15.38 1.98
C GLY A 138 -9.32 14.82 3.14
N THR A 139 -8.70 15.67 3.95
CA THR A 139 -7.98 15.16 5.10
C THR A 139 -8.94 14.46 6.04
N LEU A 140 -10.13 15.00 6.22
CA LEU A 140 -11.12 14.40 7.10
C LEU A 140 -11.65 13.11 6.49
N GLU A 141 -11.87 13.09 5.16
CA GLU A 141 -12.27 11.91 4.47
C GLU A 141 -11.25 10.79 4.63
N ALA A 142 -9.98 11.13 4.47
CA ALA A 142 -8.89 10.14 4.60
C ALA A 142 -8.78 9.60 6.01
N ALA A 143 -8.94 10.46 7.01
CA ALA A 143 -8.83 10.04 8.41
C ALA A 143 -10.06 9.25 8.84
N LYS A 144 -11.19 9.37 8.14
CA LYS A 144 -12.34 8.54 8.37
C LYS A 144 -12.12 7.17 7.78
N THR A 145 -11.61 7.10 6.55
CA THR A 145 -11.36 5.83 5.85
C THR A 145 -10.26 5.04 6.57
N ARG A 146 -9.19 5.70 6.99
CA ARG A 146 -7.99 5.08 7.56
C ARG A 146 -7.88 5.63 8.98
N PRO A 147 -8.61 5.03 9.96
CA PRO A 147 -8.64 5.64 11.26
C PRO A 147 -7.31 5.75 11.98
N SER A 148 -6.34 4.89 11.58
CA SER A 148 -5.00 4.88 12.14
C SER A 148 -4.13 6.07 11.73
N ILE A 149 -4.59 6.94 10.80
CA ILE A 149 -3.92 8.21 10.53
CA ILE A 149 -3.84 8.16 10.55
C ILE A 149 -3.57 8.88 11.85
N GLU A 150 -2.35 9.38 12.01
CA GLU A 150 -1.96 10.04 13.24
C GLU A 150 -2.49 11.45 13.37
N ALA A 151 -2.55 12.19 12.24
CA ALA A 151 -2.82 13.61 12.32
C ALA A 151 -3.39 14.06 10.97
N ALA A 152 -4.26 15.05 11.02
CA ALA A 152 -4.90 15.64 9.86
C ALA A 152 -4.89 17.15 10.02
N VAL A 153 -4.47 17.89 9.00
CA VAL A 153 -4.47 19.36 9.03
C VAL A 153 -5.22 19.88 7.83
N GLY A 154 -6.36 20.53 8.06
CA GLY A 154 -7.12 21.15 7.00
C GLY A 154 -6.83 22.63 6.91
N LEU A 155 -6.42 23.08 5.74
CA LEU A 155 -6.11 24.49 5.49
C LEU A 155 -7.24 25.07 4.67
N THR A 156 -7.95 26.06 5.26
CA THR A 156 -9.20 26.64 4.76
C THR A 156 -10.07 25.55 4.14
N PRO A 157 -10.42 24.50 4.94
CA PRO A 157 -11.02 23.31 4.38
C PRO A 157 -12.44 23.53 3.91
N TRP A 158 -12.85 22.78 2.92
CA TRP A 158 -14.18 22.76 2.34
C TRP A 158 -14.69 21.33 2.34
N ASN A 159 -15.91 21.11 2.89
CA ASN A 159 -16.58 19.85 2.82
C ASN A 159 -18.05 20.11 3.11
N LEU A 160 -18.85 19.57 2.30
CA LEU A 160 -20.31 19.58 2.46
C LEU A 160 -20.77 18.76 3.65
N ASP A 161 -20.01 17.73 4.05
CA ASP A 161 -20.32 16.94 5.24
C ASP A 161 -19.70 17.62 6.44
N LYS A 162 -20.54 18.04 7.37
CA LYS A 162 -20.13 18.86 8.48
C LYS A 162 -19.82 18.07 9.75
N THR A 163 -20.12 16.76 9.76
CA THR A 163 -20.02 15.95 10.95
C THR A 163 -18.92 14.92 10.84
N TRP A 164 -18.01 14.87 11.81
CA TRP A 164 -16.82 14.04 11.72
C TRP A 164 -16.57 13.19 12.95
N PRO A 165 -17.60 12.46 13.46
CA PRO A 165 -17.36 11.57 14.60
C PRO A 165 -16.49 10.37 14.29
N GLU A 166 -16.21 10.06 13.02
CA GLU A 166 -15.39 8.92 12.66
C GLU A 166 -13.90 9.15 12.85
N VAL A 167 -13.46 10.42 12.95
CA VAL A 167 -12.06 10.71 12.96
C VAL A 167 -11.47 10.47 14.34
N GLU A 168 -10.42 9.66 14.39
CA GLU A 168 -9.69 9.39 15.62
CA GLU A 168 -9.70 9.40 15.63
C GLU A 168 -8.35 10.10 15.67
N ALA A 169 -7.82 10.50 14.48
CA ALA A 169 -6.59 11.26 14.39
C ALA A 169 -6.70 12.56 15.17
N ALA A 170 -5.56 13.16 15.48
CA ALA A 170 -5.50 14.51 15.95
C ALA A 170 -5.75 15.45 14.79
N ALA A 171 -6.77 16.30 14.84
CA ALA A 171 -7.20 17.06 13.69
C ALA A 171 -7.21 18.55 13.98
N LEU A 172 -6.47 19.33 13.18
CA LEU A 172 -6.35 20.78 13.25
C LEU A 172 -6.99 21.39 12.03
N GLN A 173 -7.89 22.37 12.20
CA GLN A 173 -8.36 23.16 11.08
C GLN A 173 -7.80 24.56 11.17
N ILE A 174 -7.21 25.08 10.09
CA ILE A 174 -6.81 26.46 9.98
C ILE A 174 -7.77 27.16 9.05
N GLY A 175 -8.58 28.09 9.60
CA GLY A 175 -9.51 28.90 8.84
C GLY A 175 -8.92 30.25 8.49
N ALA A 176 -9.56 30.91 7.53
CA ALA A 176 -9.22 32.28 7.18
C ALA A 176 -10.43 33.12 7.53
N GLN A 177 -10.16 34.21 8.27
CA GLN A 177 -11.26 35.01 8.81
C GLN A 177 -12.15 35.59 7.72
N ASN A 178 -11.59 36.03 6.60
CA ASN A 178 -12.37 36.67 5.56
C ASN A 178 -12.59 35.76 4.36
N ASP A 179 -12.57 34.44 4.63
CA ASP A 179 -12.78 33.47 3.56
C ASP A 179 -14.23 33.52 3.06
N SER A 180 -14.39 33.80 1.74
CA SER A 180 -15.71 33.78 1.13
C SER A 180 -15.95 32.54 0.29
N VAL A 181 -14.99 31.59 0.25
CA VAL A 181 -15.13 30.38 -0.54
C VAL A 181 -15.55 29.21 0.35
N ALA A 182 -14.82 29.06 1.45
CA ALA A 182 -15.11 28.03 2.45
C ALA A 182 -15.21 28.72 3.80
N PRO A 183 -16.24 29.57 4.00
CA PRO A 183 -16.26 30.34 5.24
C PRO A 183 -16.14 29.46 6.48
N PRO A 184 -15.29 29.82 7.44
CA PRO A 184 -15.14 28.97 8.61
C PRO A 184 -16.42 28.72 9.39
N ARG A 185 -17.35 29.69 9.38
CA ARG A 185 -18.57 29.46 10.16
C ARG A 185 -19.34 28.26 9.64
N SER A 186 -19.21 27.95 8.35
CA SER A 186 -19.98 26.84 7.80
CA SER A 186 -19.94 26.91 7.62
C SER A 186 -19.11 25.62 7.43
N HIS A 187 -17.77 25.75 7.50
CA HIS A 187 -16.86 24.65 7.17
C HIS A 187 -15.96 24.36 8.36
N ALA A 188 -14.81 25.04 8.51
CA ALA A 188 -13.84 24.71 9.53
C ALA A 188 -14.41 24.59 10.93
N VAL A 189 -15.27 25.54 11.34
CA VAL A 189 -15.69 25.57 12.72
C VAL A 189 -16.67 24.44 13.01
N PRO A 190 -17.68 24.13 12.19
CA PRO A 190 -18.45 22.93 12.34
C PRO A 190 -17.58 21.66 12.42
N PHE A 191 -16.55 21.54 11.55
CA PHE A 191 -15.70 20.35 11.62
C PHE A 191 -15.05 20.24 12.99
N TYR A 192 -14.42 21.31 13.45
CA TYR A 192 -13.83 21.32 14.79
C TYR A 192 -14.84 20.87 15.83
N GLY A 193 -16.07 21.42 15.76
CA GLY A 193 -17.07 21.13 16.77
C GLY A 193 -17.53 19.68 16.78
N SER A 194 -17.51 19.01 15.65
CA SER A 194 -18.07 17.67 15.52
C SER A 194 -17.00 16.59 15.65
N LEU A 195 -15.72 16.94 15.84
CA LEU A 195 -14.61 16.01 15.94
C LEU A 195 -14.54 15.37 17.34
N THR A 196 -15.65 14.77 17.76
CA THR A 196 -15.86 14.34 19.14
C THR A 196 -14.86 13.29 19.57
N ASN A 197 -14.46 12.42 18.63
CA ASN A 197 -13.61 11.26 18.93
C ASN A 197 -12.15 11.47 18.54
N ALA A 198 -11.79 12.66 18.07
CA ALA A 198 -10.42 12.96 17.69
C ALA A 198 -9.51 12.94 18.92
N GLU A 199 -8.28 12.50 18.76
CA GLU A 199 -7.35 12.46 19.89
C GLU A 199 -7.15 13.85 20.46
N ARG A 200 -7.08 14.84 19.59
CA ARG A 200 -7.00 16.25 19.94
C ARG A 200 -7.66 16.98 18.78
N ARG A 201 -8.26 18.12 19.04
CA ARG A 201 -8.88 18.91 17.99
CA ARG A 201 -8.84 18.92 17.98
C ARG A 201 -8.53 20.38 18.23
N ALA A 202 -8.30 21.11 17.15
CA ALA A 202 -7.99 22.51 17.27
C ALA A 202 -8.54 23.28 16.07
N TYR A 203 -8.85 24.55 16.32
CA TYR A 203 -9.25 25.52 15.32
C TYR A 203 -8.36 26.74 15.46
N LEU A 204 -7.70 27.19 14.39
CA LEU A 204 -6.86 28.37 14.36
C LEU A 204 -7.29 29.22 13.20
N GLU A 205 -7.66 30.49 13.43
CA GLU A 205 -8.16 31.36 12.38
C GLU A 205 -7.11 32.41 12.05
N LEU A 206 -6.77 32.57 10.77
CA LEU A 206 -5.85 33.60 10.29
C LEU A 206 -6.61 34.92 10.14
N ARG A 207 -6.14 35.92 10.91
CA ARG A 207 -6.75 37.24 10.90
C ARG A 207 -6.65 37.91 9.54
N GLY A 208 -7.77 38.45 9.07
CA GLY A 208 -7.79 39.25 7.86
C GLY A 208 -7.56 38.44 6.59
N ALA A 209 -7.47 37.09 6.68
CA ALA A 209 -6.97 36.32 5.56
C ALA A 209 -8.09 35.89 4.62
N SER A 210 -7.70 35.65 3.37
CA SER A 210 -8.55 35.15 2.32
C SER A 210 -8.38 33.63 2.21
N HIS A 211 -9.24 33.05 1.40
CA HIS A 211 -9.24 31.62 1.14
C HIS A 211 -7.90 31.19 0.55
N PHE A 212 -7.18 32.07 -0.15
CA PHE A 212 -5.98 31.67 -0.86
C PHE A 212 -4.74 31.89 -0.05
N ALA A 213 -4.85 32.23 1.25
CA ALA A 213 -3.71 32.40 2.12
C ALA A 213 -2.79 31.15 2.13
N PRO A 214 -3.30 29.91 2.14
CA PRO A 214 -2.42 28.74 2.14
C PRO A 214 -1.61 28.53 0.86
N ASN A 215 -1.84 29.31 -0.21
CA ASN A 215 -1.15 29.08 -1.47
C ASN A 215 0.12 29.91 -1.62
N THR A 216 0.50 30.67 -0.59
CA THR A 216 1.77 31.41 -0.54
CA THR A 216 1.85 31.21 -0.60
C THR A 216 2.42 31.09 0.80
N SER A 217 3.75 31.01 0.86
CA SER A 217 4.44 30.79 2.09
C SER A 217 3.89 31.70 3.19
N ASN A 218 3.55 31.09 4.31
CA ASN A 218 2.85 31.78 5.40
C ASN A 218 3.39 31.22 6.69
N THR A 219 4.07 32.04 7.50
CA THR A 219 4.75 31.59 8.68
C THR A 219 3.77 31.04 9.72
N THR A 220 2.57 31.65 9.85
CA THR A 220 1.64 31.15 10.85
C THR A 220 1.15 29.75 10.47
N ILE A 221 0.78 29.59 9.19
CA ILE A 221 0.36 28.25 8.73
C ILE A 221 1.49 27.23 8.95
N ALA A 222 2.70 27.58 8.56
CA ALA A 222 3.81 26.66 8.64
C ALA A 222 4.11 26.26 10.07
N LYS A 223 4.17 27.26 10.98
CA LYS A 223 4.58 26.94 12.34
C LYS A 223 3.59 26.02 13.06
N TYR A 224 2.28 26.28 12.86
CA TYR A 224 1.29 25.47 13.56
C TYR A 224 1.04 24.12 12.89
N THR A 225 1.14 24.07 11.55
CA THR A 225 1.12 22.77 10.89
C THR A 225 2.29 21.91 11.37
N LEU A 226 3.47 22.52 11.43
CA LEU A 226 4.65 21.82 11.91
C LEU A 226 4.45 21.34 13.35
N ALA A 227 4.01 22.23 14.22
CA ALA A 227 3.88 21.85 15.63
C ALA A 227 2.88 20.71 15.80
N TRP A 228 1.77 20.78 15.04
CA TRP A 228 0.76 19.74 15.12
C TRP A 228 1.30 18.38 14.66
N LEU A 229 2.02 18.39 13.51
CA LEU A 229 2.60 17.15 12.99
C LEU A 229 3.68 16.60 13.90
N LYS A 230 4.52 17.47 14.45
CA LYS A 230 5.50 16.99 15.44
C LYS A 230 4.82 16.39 16.68
N ARG A 231 3.78 17.08 17.15
CA ARG A 231 3.11 16.63 18.35
C ARG A 231 2.45 15.27 18.18
N TYR A 232 1.88 14.99 16.99
CA TYR A 232 1.06 13.82 16.81
C TYR A 232 1.60 12.76 15.85
N VAL A 233 2.39 13.15 14.83
CA VAL A 233 3.05 12.12 14.04
C VAL A 233 4.24 11.53 14.81
N ASP A 234 4.97 12.40 15.51
CA ASP A 234 6.16 11.97 16.26
C ASP A 234 5.86 11.82 17.74
N ASP A 235 4.65 12.14 18.19
CA ASP A 235 4.31 12.10 19.63
C ASP A 235 5.30 12.95 20.39
N ASP A 236 5.74 14.05 19.80
CA ASP A 236 6.84 14.82 20.34
C ASP A 236 6.23 15.88 21.27
N THR A 237 6.32 15.57 22.58
CA THR A 237 5.72 16.45 23.57
C THR A 237 6.50 17.76 23.74
N ARG A 238 7.69 17.90 23.13
CA ARG A 238 8.39 19.17 23.14
C ARG A 238 7.64 20.27 22.40
N TYR A 239 6.69 19.86 21.53
CA TYR A 239 5.94 20.79 20.72
C TYR A 239 4.56 21.10 21.34
N GLU A 240 4.22 20.46 22.45
CA GLU A 240 2.97 20.83 23.13
C GLU A 240 2.95 22.28 23.61
N GLN A 241 4.13 22.83 23.93
CA GLN A 241 4.23 24.22 24.40
C GLN A 241 3.67 25.24 23.42
N PHE A 242 3.64 24.93 22.11
CA PHE A 242 3.14 25.88 21.12
C PHE A 242 1.63 25.79 20.96
N LEU A 243 1.04 24.68 21.40
CA LEU A 243 -0.36 24.35 21.12
C LEU A 243 -1.26 24.78 22.29
N ALA A 244 -0.68 24.82 23.48
CA ALA A 244 -1.44 25.10 24.69
C ALA A 244 -0.61 26.00 25.56
N PRO A 245 -1.02 27.27 25.81
CA PRO A 245 -2.34 27.77 25.45
C PRO A 245 -2.52 28.20 24.01
N GLY A 246 -1.45 28.20 23.22
CA GLY A 246 -1.57 28.45 21.80
C GLY A 246 -1.31 29.92 21.51
N PRO A 247 -1.50 30.38 20.25
CA PRO A 247 -1.19 31.73 19.84
C PRO A 247 -2.10 32.76 20.50
N SER A 248 -1.54 33.94 20.72
CA SER A 248 -2.32 35.08 21.14
CA SER A 248 -2.36 35.04 21.17
C SER A 248 -3.26 35.53 20.02
N THR A 249 -4.39 36.13 20.41
CA THR A 249 -5.34 36.69 19.47
C THR A 249 -5.50 38.20 19.68
N GLY A 250 -4.48 38.83 20.28
CA GLY A 250 -4.55 40.24 20.60
C GLY A 250 -4.04 41.15 19.49
N PHE A 251 -3.77 42.43 19.85
CA PHE A 251 -3.35 43.46 18.91
C PHE A 251 -2.10 43.03 18.18
N GLY A 252 -2.20 43.08 16.84
CA GLY A 252 -1.07 42.79 15.97
C GLY A 252 -0.92 41.30 15.70
N SER A 253 -1.71 40.42 16.35
CA SER A 253 -1.53 38.98 16.11
C SER A 253 -2.02 38.64 14.71
N ALA A 254 -1.37 37.62 14.13
CA ALA A 254 -1.84 37.04 12.88
C ALA A 254 -3.00 36.05 13.06
N VAL A 255 -3.40 35.80 14.30
CA VAL A 255 -4.44 34.84 14.65
C VAL A 255 -5.61 35.59 15.26
N SER A 256 -6.82 35.35 14.76
CA SER A 256 -8.02 36.02 15.26
C SER A 256 -8.85 35.13 16.16
N ASP A 257 -8.61 33.82 16.15
CA ASP A 257 -9.36 32.89 16.99
C ASP A 257 -8.50 31.64 17.15
N TYR A 258 -8.49 31.05 18.33
CA TYR A 258 -7.78 29.81 18.60
C TYR A 258 -8.53 29.02 19.65
N ARG A 259 -8.78 27.77 19.36
CA ARG A 259 -9.47 26.84 20.25
C ARG A 259 -8.76 25.49 20.20
N ILE A 260 -8.59 24.82 21.33
CA ILE A 260 -8.05 23.47 21.37
C ILE A 260 -8.71 22.68 22.47
N GLN A 261 -9.01 21.42 22.20
CA GLN A 261 -9.61 20.48 23.13
C GLN A 261 -9.06 19.06 22.94
N GLU B 4 -0.47 -44.60 -13.71
CA GLU B 4 -1.67 -43.73 -13.49
C GLU B 4 -1.41 -42.82 -12.29
N ASN B 5 -1.55 -41.52 -12.55
CA ASN B 5 -1.38 -40.49 -11.53
C ASN B 5 -2.74 -40.17 -10.94
N ASP B 6 -2.90 -40.60 -9.71
CA ASP B 6 -4.14 -40.45 -8.94
C ASP B 6 -4.46 -39.01 -8.61
N TYR B 7 -3.50 -38.09 -8.79
CA TYR B 7 -3.73 -36.67 -8.50
C TYR B 7 -4.27 -35.88 -9.69
N GLU B 8 -4.32 -36.48 -10.88
CA GLU B 8 -4.81 -35.75 -12.02
C GLU B 8 -6.27 -35.38 -11.85
N ARG B 9 -6.62 -34.11 -12.13
CA ARG B 9 -7.97 -33.62 -12.07
C ARG B 9 -8.27 -32.85 -13.35
N GLY B 10 -9.54 -32.98 -13.80
CA GLY B 10 -10.06 -32.23 -14.93
C GLY B 10 -9.73 -32.88 -16.26
N PRO B 11 -10.49 -32.50 -17.33
CA PRO B 11 -10.16 -32.93 -18.66
C PRO B 11 -8.75 -32.55 -19.06
N ASP B 12 -8.22 -33.24 -20.04
CA ASP B 12 -6.91 -32.92 -20.58
C ASP B 12 -6.87 -31.48 -21.05
N PRO B 13 -5.77 -30.75 -20.74
CA PRO B 13 -5.73 -29.31 -20.98
C PRO B 13 -5.36 -28.92 -22.40
N THR B 14 -5.80 -27.73 -22.77
CA THR B 14 -5.43 -27.11 -24.04
C THR B 14 -5.08 -25.68 -23.76
N SER B 15 -4.52 -24.99 -24.75
CA SER B 15 -4.33 -23.55 -24.62
C SER B 15 -5.64 -22.85 -24.27
N SER B 16 -6.73 -23.24 -24.91
CA SER B 16 -8.02 -22.65 -24.64
C SER B 16 -8.43 -22.88 -23.18
N SER B 17 -8.33 -24.09 -22.69
CA SER B 17 -8.82 -24.39 -21.35
C SER B 17 -8.02 -23.63 -20.28
N ILE B 18 -6.69 -23.55 -20.44
CA ILE B 18 -5.85 -22.98 -19.40
C ILE B 18 -5.87 -21.48 -19.45
N GLU B 19 -6.32 -20.87 -20.55
CA GLU B 19 -6.47 -19.44 -20.67
C GLU B 19 -7.84 -18.91 -20.25
N ALA B 20 -8.81 -19.79 -20.12
CA ALA B 20 -10.16 -19.35 -19.78
C ALA B 20 -10.21 -18.87 -18.33
N SER B 21 -11.19 -18.01 -18.05
CA SER B 21 -11.45 -17.36 -16.79
CA SER B 21 -11.27 -17.38 -16.76
C SER B 21 -11.69 -18.40 -15.69
N ARG B 22 -12.38 -19.48 -16.07
CA ARG B 22 -12.71 -20.54 -15.15
C ARG B 22 -12.46 -21.89 -15.80
N GLY B 23 -11.94 -22.82 -15.02
CA GLY B 23 -11.72 -24.19 -15.40
C GLY B 23 -12.96 -25.05 -15.19
N PRO B 24 -12.79 -26.36 -15.10
CA PRO B 24 -13.91 -27.27 -15.15
C PRO B 24 -14.60 -27.50 -13.82
N TYR B 25 -14.17 -26.84 -12.75
CA TYR B 25 -14.81 -26.94 -11.45
C TYR B 25 -15.50 -25.66 -11.07
N ALA B 26 -16.76 -25.77 -10.64
CA ALA B 26 -17.45 -24.65 -10.03
C ALA B 26 -16.84 -24.38 -8.64
N VAL B 27 -16.88 -23.14 -8.21
CA VAL B 27 -16.17 -22.74 -6.99
C VAL B 27 -17.16 -22.21 -5.95
N SER B 28 -16.97 -22.66 -4.74
CA SER B 28 -17.65 -22.16 -3.55
C SER B 28 -16.64 -21.36 -2.73
N THR B 29 -17.13 -20.46 -1.87
CA THR B 29 -16.26 -19.65 -1.02
C THR B 29 -16.67 -19.84 0.44
N LYS B 30 -15.68 -19.75 1.32
CA LYS B 30 -15.90 -19.63 2.74
C LYS B 30 -15.06 -18.46 3.28
N SER B 31 -15.69 -17.42 3.85
CA SER B 31 -15.03 -16.27 4.42
CA SER B 31 -15.00 -16.28 4.41
CA SER B 31 -15.00 -16.28 4.41
C SER B 31 -14.49 -16.64 5.80
N ILE B 32 -13.25 -16.23 6.07
CA ILE B 32 -12.62 -16.37 7.37
C ILE B 32 -12.37 -14.95 7.83
N SER B 33 -13.13 -14.47 8.83
CA SER B 33 -12.88 -13.15 9.36
C SER B 33 -11.51 -13.08 10.04
N ARG B 34 -11.07 -11.85 10.25
CA ARG B 34 -9.85 -11.67 11.04
C ARG B 34 -9.99 -12.33 12.42
N PHE B 35 -11.21 -12.30 12.97
CA PHE B 35 -11.51 -12.81 14.31
C PHE B 35 -11.43 -14.32 14.34
N ALA B 36 -11.68 -15.00 13.19
CA ALA B 36 -11.67 -16.45 13.09
C ALA B 36 -10.33 -17.00 12.58
N ALA B 37 -9.44 -16.10 12.16
CA ALA B 37 -8.14 -16.53 11.59
C ALA B 37 -7.09 -16.81 12.63
N ARG B 38 -6.31 -17.88 12.36
CA ARG B 38 -5.24 -18.33 13.24
CA ARG B 38 -5.24 -18.33 13.23
C ARG B 38 -3.90 -18.01 12.58
N GLY B 39 -3.29 -16.90 12.95
CA GLY B 39 -1.92 -16.59 12.52
C GLY B 39 -1.84 -15.69 11.31
N PHE B 40 -2.95 -15.21 10.75
CA PHE B 40 -2.98 -14.25 9.66
C PHE B 40 -4.21 -13.39 9.85
N GLY B 41 -4.47 -12.48 8.92
CA GLY B 41 -5.43 -11.39 9.08
C GLY B 41 -6.84 -11.66 8.56
N GLY B 42 -7.19 -12.90 8.31
CA GLY B 42 -8.48 -13.22 7.68
C GLY B 42 -8.28 -13.49 6.20
N GLY B 43 -9.30 -14.03 5.56
CA GLY B 43 -9.19 -14.28 4.13
C GLY B 43 -10.38 -15.05 3.62
N THR B 44 -10.25 -15.64 2.46
CA THR B 44 -11.33 -16.34 1.80
C THR B 44 -10.81 -17.66 1.28
N ILE B 45 -11.49 -18.76 1.55
CA ILE B 45 -11.16 -20.04 1.01
C ILE B 45 -12.05 -20.29 -0.21
N HIS B 46 -11.45 -20.61 -1.34
CA HIS B 46 -12.11 -20.91 -2.60
C HIS B 46 -11.92 -22.39 -2.86
N TYR B 47 -12.99 -23.14 -3.15
CA TYR B 47 -12.84 -24.57 -3.32
C TYR B 47 -13.77 -25.14 -4.38
N PRO B 48 -13.36 -26.21 -5.04
CA PRO B 48 -14.24 -26.87 -6.00
C PRO B 48 -15.47 -27.43 -5.33
N THR B 49 -16.63 -27.30 -5.99
CA THR B 49 -17.83 -27.90 -5.42
C THR B 49 -17.85 -29.41 -5.63
N THR B 50 -17.01 -29.96 -6.48
CA THR B 50 -16.96 -31.40 -6.73
C THR B 50 -16.14 -32.10 -5.68
N THR B 51 -16.67 -33.13 -5.05
CA THR B 51 -15.93 -34.06 -4.17
C THR B 51 -15.73 -35.41 -4.80
N ALA B 52 -16.42 -35.72 -5.91
CA ALA B 52 -16.39 -37.04 -6.49
C ALA B 52 -15.08 -37.39 -7.18
N ASP B 53 -14.23 -36.38 -7.44
CA ASP B 53 -12.98 -36.63 -8.13
C ASP B 53 -11.81 -36.84 -7.18
N GLY B 54 -12.07 -36.75 -5.88
CA GLY B 54 -11.00 -36.89 -4.90
C GLY B 54 -10.60 -35.55 -4.29
N THR B 55 -9.58 -35.59 -3.42
CA THR B 55 -9.07 -34.41 -2.76
C THR B 55 -8.16 -33.63 -3.69
N PHE B 56 -7.90 -32.39 -3.29
CA PHE B 56 -7.11 -31.45 -4.05
C PHE B 56 -5.94 -30.93 -3.22
N GLY B 57 -4.92 -30.46 -3.89
CA GLY B 57 -3.88 -29.68 -3.22
C GLY B 57 -4.41 -28.35 -2.70
N VAL B 58 -3.67 -27.80 -1.74
CA VAL B 58 -3.99 -26.55 -1.08
C VAL B 58 -2.95 -25.50 -1.40
N VAL B 59 -3.44 -24.29 -1.72
CA VAL B 59 -2.61 -23.19 -2.17
C VAL B 59 -2.96 -21.95 -1.39
N ALA B 60 -1.99 -21.24 -0.83
CA ALA B 60 -2.23 -19.94 -0.17
C ALA B 60 -1.65 -18.84 -1.05
N VAL B 61 -2.33 -17.69 -1.07
CA VAL B 61 -1.98 -16.56 -1.92
C VAL B 61 -1.88 -15.28 -1.09
N SER B 62 -0.69 -14.72 -1.02
CA SER B 62 -0.36 -13.54 -0.23
C SER B 62 -0.35 -12.27 -1.05
N PRO B 63 -0.87 -11.15 -0.51
CA PRO B 63 -0.65 -9.84 -1.11
C PRO B 63 0.71 -9.31 -0.74
N GLY B 64 1.01 -8.10 -1.25
CA GLY B 64 2.24 -7.40 -0.97
C GLY B 64 2.14 -6.27 0.03
N TYR B 65 3.28 -5.58 0.16
CA TYR B 65 3.40 -4.46 1.08
C TYR B 65 2.36 -3.40 0.77
N THR B 66 1.69 -2.92 1.81
CA THR B 66 0.63 -1.91 1.78
C THR B 66 -0.69 -2.51 1.34
N ALA B 67 -0.78 -3.75 0.88
CA ALA B 67 -1.92 -4.21 0.07
C ALA B 67 -2.85 -5.14 0.80
N SER B 68 -4.11 -5.01 0.42
CA SER B 68 -5.14 -5.88 0.95
CA SER B 68 -5.23 -5.83 0.85
C SER B 68 -5.28 -7.15 0.07
N GLU B 69 -6.01 -8.12 0.62
CA GLU B 69 -6.43 -9.35 -0.07
CA GLU B 69 -6.39 -9.34 -0.08
C GLU B 69 -7.03 -9.03 -1.43
N SER B 70 -7.79 -7.94 -1.51
CA SER B 70 -8.47 -7.59 -2.75
C SER B 70 -7.50 -7.53 -3.95
N THR B 71 -6.23 -7.19 -3.75
CA THR B 71 -5.27 -7.05 -4.83
C THR B 71 -4.88 -8.38 -5.45
N ILE B 72 -5.09 -9.49 -4.76
CA ILE B 72 -4.77 -10.80 -5.30
C ILE B 72 -5.98 -11.72 -5.33
N ARG B 73 -7.16 -11.23 -4.98
CA ARG B 73 -8.33 -12.09 -4.80
CA ARG B 73 -8.35 -12.05 -4.83
C ARG B 73 -8.71 -12.79 -6.11
N TRP B 74 -8.48 -12.16 -7.26
CA TRP B 74 -8.89 -12.76 -8.52
C TRP B 74 -8.27 -14.12 -8.76
N LEU B 75 -7.09 -14.38 -8.19
CA LEU B 75 -6.44 -15.67 -8.33
C LEU B 75 -7.16 -16.78 -7.60
N GLY B 76 -7.96 -16.43 -6.58
CA GLY B 76 -8.63 -17.42 -5.76
C GLY B 76 -9.60 -18.28 -6.56
N PRO B 77 -10.67 -17.68 -7.11
CA PRO B 77 -11.63 -18.48 -7.86
C PRO B 77 -11.04 -19.02 -9.15
N ARG B 78 -10.14 -18.25 -9.77
CA ARG B 78 -9.60 -18.69 -11.03
C ARG B 78 -8.79 -19.97 -10.86
N LEU B 79 -7.83 -19.95 -9.92
CA LEU B 79 -7.04 -21.15 -9.69
C LEU B 79 -7.93 -22.27 -9.12
N ALA B 80 -8.83 -21.95 -8.20
CA ALA B 80 -9.59 -23.02 -7.56
C ALA B 80 -10.42 -23.81 -8.61
N SER B 81 -10.92 -23.07 -9.61
CA SER B 81 -11.77 -23.63 -10.65
C SER B 81 -11.04 -24.66 -11.49
N PHE B 82 -9.71 -24.77 -11.40
CA PHE B 82 -8.98 -25.83 -12.09
C PHE B 82 -8.74 -27.05 -11.24
N GLY B 83 -9.09 -26.96 -9.95
CA GLY B 83 -8.98 -28.08 -9.03
C GLY B 83 -7.92 -27.88 -7.95
N PHE B 84 -8.15 -26.82 -7.14
CA PHE B 84 -7.29 -26.52 -5.98
C PHE B 84 -8.18 -25.92 -4.92
N VAL B 85 -7.82 -26.13 -3.65
CA VAL B 85 -8.37 -25.33 -2.58
C VAL B 85 -7.44 -24.16 -2.35
N VAL B 86 -7.93 -22.95 -2.53
CA VAL B 86 -7.07 -21.77 -2.60
C VAL B 86 -7.51 -20.80 -1.52
N ILE B 87 -6.61 -20.38 -0.64
CA ILE B 87 -6.92 -19.39 0.37
C ILE B 87 -6.20 -18.09 0.05
N THR B 88 -6.93 -17.02 -0.30
CA THR B 88 -6.44 -15.66 -0.47
C THR B 88 -6.59 -14.98 0.88
N PHE B 89 -5.66 -14.13 1.30
CA PHE B 89 -5.75 -13.62 2.65
C PHE B 89 -5.15 -12.24 2.81
N ASP B 90 -5.51 -11.61 3.93
CA ASP B 90 -4.90 -10.42 4.45
C ASP B 90 -3.85 -10.80 5.48
N THR B 91 -2.78 -9.99 5.50
CA THR B 91 -1.75 -10.13 6.50
C THR B 91 -2.16 -9.44 7.81
N ASN B 92 -1.46 -9.78 8.88
CA ASN B 92 -1.73 -9.19 10.17
C ASN B 92 -1.57 -7.70 10.12
N SER B 93 -0.51 -7.22 9.47
CA SER B 93 -0.29 -5.79 9.21
C SER B 93 -0.03 -5.63 7.72
N ARG B 94 -0.49 -4.52 7.15
CA ARG B 94 -0.17 -4.21 5.78
C ARG B 94 1.33 -4.02 5.58
N TYR B 95 2.09 -3.79 6.66
CA TYR B 95 3.50 -3.47 6.56
C TYR B 95 4.38 -4.63 6.98
N ASP B 96 3.79 -5.85 7.03
CA ASP B 96 4.59 -7.04 7.26
C ASP B 96 5.63 -7.22 6.15
N GLN B 97 6.80 -7.74 6.52
CA GLN B 97 7.89 -8.00 5.61
C GLN B 97 7.84 -9.42 5.08
N PRO B 98 8.71 -9.82 4.11
CA PRO B 98 8.62 -11.16 3.54
C PRO B 98 8.67 -12.30 4.53
N ARG B 99 9.48 -12.24 5.58
CA ARG B 99 9.54 -13.38 6.49
C ARG B 99 8.19 -13.60 7.15
N ALA B 100 7.59 -12.54 7.65
CA ALA B 100 6.27 -12.64 8.26
C ALA B 100 5.23 -13.10 7.25
N ARG B 101 5.34 -12.67 5.99
CA ARG B 101 4.41 -13.15 4.99
C ARG B 101 4.57 -14.64 4.72
N GLY B 102 5.82 -15.14 4.80
CA GLY B 102 6.04 -16.58 4.71
C GLY B 102 5.31 -17.32 5.82
N THR B 103 5.45 -16.84 7.06
CA THR B 103 4.78 -17.48 8.19
C THR B 103 3.27 -17.51 7.95
N GLN B 104 2.73 -16.41 7.41
CA GLN B 104 1.29 -16.32 7.23
C GLN B 104 0.78 -17.16 6.06
N LEU B 105 1.58 -17.33 5.00
CA LEU B 105 1.26 -18.29 3.95
C LEU B 105 1.07 -19.67 4.55
N LEU B 106 1.99 -20.09 5.41
CA LEU B 106 1.91 -21.43 5.99
C LEU B 106 0.74 -21.51 6.96
N ALA B 107 0.50 -20.44 7.73
CA ALA B 107 -0.64 -20.43 8.62
C ALA B 107 -1.94 -20.55 7.86
N ALA B 108 -2.04 -19.88 6.73
CA ALA B 108 -3.27 -19.92 5.94
C ALA B 108 -3.50 -21.35 5.42
N ILE B 109 -2.45 -21.98 4.89
CA ILE B 109 -2.54 -23.38 4.47
C ILE B 109 -3.05 -24.20 5.65
N ASP B 110 -2.44 -24.04 6.83
CA ASP B 110 -2.77 -24.89 7.95
C ASP B 110 -4.20 -24.68 8.43
N GLN B 111 -4.71 -23.45 8.31
CA GLN B 111 -6.08 -23.26 8.71
C GLN B 111 -7.01 -23.97 7.73
N ALA B 112 -6.75 -23.87 6.43
CA ALA B 112 -7.59 -24.57 5.44
C ALA B 112 -7.57 -26.07 5.74
N ILE B 113 -6.39 -26.64 6.01
CA ILE B 113 -6.27 -28.07 6.27
C ILE B 113 -7.17 -28.47 7.43
N GLY B 114 -7.24 -27.62 8.46
CA GLY B 114 -8.02 -27.93 9.66
C GLY B 114 -9.47 -27.49 9.58
N ASP B 115 -9.92 -26.88 8.49
CA ASP B 115 -11.23 -26.24 8.45
C ASP B 115 -12.33 -27.29 8.33
N SER B 116 -13.46 -27.00 9.01
CA SER B 116 -14.57 -27.95 9.06
C SER B 116 -15.28 -28.10 7.72
N THR B 117 -15.22 -27.12 6.84
CA THR B 117 -15.86 -27.17 5.52
C THR B 117 -14.92 -27.79 4.48
N VAL B 118 -13.65 -27.37 4.44
CA VAL B 118 -12.81 -27.73 3.33
C VAL B 118 -11.74 -28.74 3.72
N GLY B 119 -11.49 -29.01 5.00
CA GLY B 119 -10.43 -29.92 5.33
C GLY B 119 -10.55 -31.26 4.63
N SER B 120 -11.78 -31.78 4.50
CA SER B 120 -12.00 -33.08 3.90
C SER B 120 -11.84 -33.07 2.39
N ARG B 121 -11.66 -31.87 1.80
CA ARG B 121 -11.45 -31.68 0.35
C ARG B 121 -9.97 -31.56 0.00
N ILE B 122 -9.10 -31.50 1.01
CA ILE B 122 -7.68 -31.19 0.85
C ILE B 122 -6.85 -32.43 1.09
N ASP B 123 -5.83 -32.64 0.23
CA ASP B 123 -4.75 -33.55 0.52
C ASP B 123 -3.67 -32.75 1.24
N PRO B 124 -3.50 -32.88 2.57
CA PRO B 124 -2.60 -32.00 3.30
C PRO B 124 -1.13 -32.22 2.96
N SER B 125 -0.79 -33.30 2.25
CA SER B 125 0.58 -33.54 1.83
C SER B 125 0.98 -32.68 0.62
N ARG B 126 0.04 -32.01 -0.04
CA ARG B 126 0.30 -31.35 -1.32
C ARG B 126 -0.05 -29.87 -1.17
N GLN B 127 0.97 -29.07 -0.87
CA GLN B 127 0.82 -27.66 -0.47
C GLN B 127 1.61 -26.79 -1.43
N ALA B 128 1.11 -25.57 -1.68
CA ALA B 128 1.81 -24.60 -2.49
C ALA B 128 1.52 -23.18 -2.01
N VAL B 129 2.42 -22.26 -2.41
CA VAL B 129 2.34 -20.86 -2.04
C VAL B 129 2.50 -20.00 -3.28
N VAL B 130 1.75 -18.92 -3.31
CA VAL B 130 1.76 -17.91 -4.37
C VAL B 130 1.74 -16.56 -3.67
N GLY B 131 2.42 -15.55 -4.22
CA GLY B 131 2.32 -14.23 -3.58
C GLY B 131 2.79 -13.13 -4.48
N HIS B 132 2.28 -11.92 -4.25
CA HIS B 132 2.69 -10.72 -4.99
C HIS B 132 3.67 -9.91 -4.16
N SER B 133 4.78 -9.48 -4.76
CA SER B 133 5.65 -8.43 -4.24
C SER B 133 6.35 -8.97 -2.99
N MET B 134 6.24 -8.32 -1.82
CA MET B 134 6.77 -8.94 -0.62
C MET B 134 6.10 -10.29 -0.32
N GLY B 135 4.84 -10.49 -0.75
CA GLY B 135 4.20 -11.78 -0.66
C GLY B 135 4.90 -12.83 -1.53
N GLY B 136 5.40 -12.40 -2.69
CA GLY B 136 6.19 -13.28 -3.53
C GLY B 136 7.57 -13.57 -2.94
N GLY B 137 8.19 -12.59 -2.27
CA GLY B 137 9.35 -12.90 -1.44
C GLY B 137 8.99 -13.88 -0.34
N GLY B 138 7.77 -13.75 0.21
CA GLY B 138 7.30 -14.64 1.23
C GLY B 138 7.17 -16.07 0.77
N THR B 139 6.90 -16.29 -0.54
CA THR B 139 6.82 -17.67 -1.02
C THR B 139 8.14 -18.41 -0.82
N LEU B 140 9.25 -17.69 -1.02
CA LEU B 140 10.58 -18.26 -0.83
C LEU B 140 10.85 -18.50 0.65
N GLU B 141 10.44 -17.54 1.49
CA GLU B 141 10.58 -17.72 2.92
C GLU B 141 9.80 -18.93 3.40
N ALA B 142 8.57 -19.11 2.91
CA ALA B 142 7.74 -20.24 3.27
C ALA B 142 8.35 -21.57 2.84
N ALA B 143 8.87 -21.60 1.60
CA ALA B 143 9.44 -22.83 1.05
C ALA B 143 10.78 -23.17 1.73
N LYS B 144 11.44 -22.20 2.38
CA LYS B 144 12.61 -22.48 3.20
CA LYS B 144 12.61 -22.49 3.20
C LYS B 144 12.17 -23.03 4.55
N THR B 145 11.15 -22.40 5.14
CA THR B 145 10.66 -22.79 6.48
C THR B 145 10.07 -24.18 6.42
N ARG B 146 9.33 -24.51 5.35
CA ARG B 146 8.65 -25.79 5.18
C ARG B 146 9.13 -26.37 3.87
N PRO B 147 10.29 -27.05 3.86
CA PRO B 147 10.87 -27.50 2.63
C PRO B 147 10.00 -28.46 1.84
N SER B 148 9.04 -29.13 2.48
CA SER B 148 8.14 -30.07 1.83
C SER B 148 7.09 -29.41 0.93
N ILE B 149 6.96 -28.08 0.95
CA ILE B 149 6.08 -27.37 0.00
C ILE B 149 6.36 -27.93 -1.40
N GLU B 150 5.31 -28.14 -2.21
CA GLU B 150 5.46 -28.72 -3.53
C GLU B 150 5.88 -27.69 -4.57
N ALA B 151 5.36 -26.46 -4.44
CA ALA B 151 5.57 -25.44 -5.45
C ALA B 151 5.43 -24.06 -4.82
N ALA B 152 6.15 -23.11 -5.42
CA ALA B 152 6.14 -21.73 -5.00
C ALA B 152 6.08 -20.87 -6.26
N VAL B 153 5.22 -19.87 -6.30
CA VAL B 153 5.11 -18.95 -7.42
C VAL B 153 5.19 -17.53 -6.89
N GLY B 154 6.27 -16.83 -7.22
CA GLY B 154 6.47 -15.44 -6.88
C GLY B 154 6.03 -14.52 -8.01
N LEU B 155 5.06 -13.62 -7.74
CA LEU B 155 4.58 -12.66 -8.73
C LEU B 155 5.20 -11.33 -8.43
N THR B 156 5.99 -10.82 -9.38
CA THR B 156 6.85 -9.64 -9.22
C THR B 156 7.45 -9.61 -7.82
N PRO B 157 8.19 -10.66 -7.47
CA PRO B 157 8.59 -10.84 -6.08
C PRO B 157 9.65 -9.86 -5.62
N TRP B 158 9.61 -9.57 -4.33
CA TRP B 158 10.53 -8.64 -3.66
C TRP B 158 11.08 -9.35 -2.43
N ASN B 159 12.40 -9.34 -2.27
CA ASN B 159 13.05 -9.86 -1.07
C ASN B 159 14.49 -9.34 -1.04
N LEU B 160 14.93 -8.87 0.13
CA LEU B 160 16.33 -8.43 0.25
C LEU B 160 17.28 -9.60 0.24
N ASP B 161 16.84 -10.79 0.59
CA ASP B 161 17.66 -11.98 0.58
C ASP B 161 17.65 -12.53 -0.85
N LYS B 162 18.81 -12.61 -1.48
CA LYS B 162 18.94 -13.00 -2.88
C LYS B 162 19.40 -14.45 -3.04
N THR B 163 19.65 -15.18 -1.96
CA THR B 163 20.20 -16.54 -2.00
C THR B 163 19.20 -17.55 -1.45
N TRP B 164 18.86 -18.57 -2.26
CA TRP B 164 17.81 -19.51 -1.93
C TRP B 164 18.21 -20.96 -2.11
N PRO B 165 19.38 -21.41 -1.60
CA PRO B 165 19.74 -22.82 -1.73
C PRO B 165 18.85 -23.78 -0.95
N GLU B 166 18.09 -23.28 0.04
CA GLU B 166 17.31 -24.09 0.93
C GLU B 166 16.03 -24.59 0.24
N VAL B 167 15.61 -23.91 -0.81
CA VAL B 167 14.33 -24.22 -1.44
C VAL B 167 14.44 -25.48 -2.31
N GLU B 168 13.62 -26.46 -1.97
CA GLU B 168 13.49 -27.71 -2.71
C GLU B 168 12.27 -27.76 -3.60
N ALA B 169 11.27 -26.94 -3.29
CA ALA B 169 10.04 -26.86 -4.06
C ALA B 169 10.35 -26.46 -5.49
N ALA B 170 9.45 -26.79 -6.41
CA ALA B 170 9.51 -26.23 -7.75
C ALA B 170 9.15 -24.75 -7.66
N ALA B 171 10.00 -23.85 -8.11
CA ALA B 171 9.84 -22.41 -7.90
C ALA B 171 9.81 -21.65 -9.22
N LEU B 172 8.75 -20.90 -9.47
CA LEU B 172 8.56 -20.05 -10.62
C LEU B 172 8.51 -18.60 -10.16
N GLN B 173 9.27 -17.72 -10.81
CA GLN B 173 9.13 -16.31 -10.60
C GLN B 173 8.57 -15.66 -11.86
N ILE B 174 7.55 -14.83 -11.72
CA ILE B 174 7.00 -14.05 -12.81
C ILE B 174 7.42 -12.63 -12.57
N GLY B 175 8.26 -12.06 -13.43
CA GLY B 175 8.68 -10.69 -13.33
C GLY B 175 7.94 -9.79 -14.32
N ALA B 176 8.10 -8.50 -14.09
CA ALA B 176 7.51 -7.49 -14.96
C ALA B 176 8.66 -6.67 -15.55
N GLN B 177 8.67 -6.54 -16.90
CA GLN B 177 9.80 -5.90 -17.58
C GLN B 177 10.07 -4.49 -17.08
N ASN B 178 9.00 -3.73 -16.85
CA ASN B 178 9.14 -2.32 -16.48
C ASN B 178 8.87 -2.07 -15.01
N ASP B 179 9.24 -3.02 -14.15
CA ASP B 179 9.00 -2.96 -12.72
C ASP B 179 9.98 -2.02 -12.05
N SER B 180 9.46 -0.94 -11.42
CA SER B 180 10.32 -0.01 -10.70
CA SER B 180 10.22 0.06 -10.69
C SER B 180 10.24 -0.19 -9.18
N VAL B 181 9.48 -1.18 -8.70
CA VAL B 181 9.40 -1.46 -7.28
C VAL B 181 10.29 -2.61 -6.91
N ALA B 182 10.20 -3.69 -7.69
CA ALA B 182 10.99 -4.90 -7.51
C ALA B 182 11.61 -5.31 -8.84
N PRO B 183 12.56 -4.50 -9.35
CA PRO B 183 13.10 -4.78 -10.67
C PRO B 183 13.60 -6.21 -10.78
N PRO B 184 13.23 -6.96 -11.83
CA PRO B 184 13.67 -8.33 -11.94
C PRO B 184 15.17 -8.53 -11.93
N ARG B 185 15.93 -7.56 -12.44
CA ARG B 185 17.38 -7.66 -12.44
C ARG B 185 17.92 -7.79 -11.01
N SER B 186 17.26 -7.20 -10.02
CA SER B 186 17.77 -7.29 -8.66
CA SER B 186 17.68 -7.19 -8.62
C SER B 186 16.95 -8.19 -7.74
N HIS B 187 15.77 -8.68 -8.17
CA HIS B 187 14.91 -9.55 -7.35
C HIS B 187 14.69 -10.86 -8.09
N ALA B 188 13.66 -10.93 -8.96
CA ALA B 188 13.28 -12.21 -9.53
C ALA B 188 14.42 -12.99 -10.19
N VAL B 189 15.27 -12.33 -10.99
CA VAL B 189 16.28 -13.06 -11.73
C VAL B 189 17.36 -13.56 -10.77
N PRO B 190 17.90 -12.77 -9.83
CA PRO B 190 18.74 -13.34 -8.77
C PRO B 190 18.12 -14.51 -8.07
N PHE B 191 16.81 -14.48 -7.78
CA PHE B 191 16.19 -15.61 -7.11
C PHE B 191 16.29 -16.85 -7.98
N TYR B 192 15.86 -16.73 -9.24
CA TYR B 192 16.02 -17.83 -10.19
C TYR B 192 17.47 -18.34 -10.18
N GLY B 193 18.43 -17.42 -10.24
CA GLY B 193 19.83 -17.81 -10.34
C GLY B 193 20.30 -18.59 -9.12
N SER B 194 19.75 -18.35 -7.92
CA SER B 194 20.19 -19.01 -6.70
C SER B 194 19.35 -20.20 -6.32
N LEU B 195 18.31 -20.53 -7.09
CA LEU B 195 17.43 -21.66 -6.78
C LEU B 195 17.97 -22.92 -7.46
N THR B 196 19.20 -23.22 -7.14
CA THR B 196 19.87 -24.31 -7.86
C THR B 196 19.55 -25.65 -7.21
N ASN B 197 18.85 -25.70 -6.05
CA ASN B 197 18.40 -26.96 -5.46
C ASN B 197 16.91 -27.20 -5.63
N ALA B 198 16.23 -26.26 -6.26
CA ALA B 198 14.79 -26.40 -6.51
C ALA B 198 14.55 -27.58 -7.44
N GLU B 199 13.39 -28.23 -7.29
CA GLU B 199 13.04 -29.37 -8.12
C GLU B 199 13.04 -28.95 -9.59
N ARG B 200 12.51 -27.78 -9.85
CA ARG B 200 12.48 -27.13 -11.15
C ARG B 200 12.52 -25.65 -10.88
N ARG B 201 13.14 -24.83 -11.71
CA ARG B 201 13.16 -23.39 -11.57
C ARG B 201 12.73 -22.78 -12.89
N ALA B 202 11.99 -21.68 -12.84
CA ALA B 202 11.56 -20.96 -14.02
C ALA B 202 11.46 -19.49 -13.74
N TYR B 203 11.69 -18.70 -14.79
CA TYR B 203 11.54 -17.25 -14.78
C TYR B 203 10.75 -16.86 -16.02
N LEU B 204 9.65 -16.14 -15.85
CA LEU B 204 8.84 -15.65 -16.96
C LEU B 204 8.66 -14.16 -16.78
N GLU B 205 8.99 -13.35 -17.78
CA GLU B 205 8.91 -11.91 -17.68
C GLU B 205 7.78 -11.42 -18.56
N LEU B 206 6.88 -10.62 -17.97
CA LEU B 206 5.79 -9.98 -18.72
C LEU B 206 6.30 -8.74 -19.44
N ARG B 207 6.18 -8.77 -20.78
CA ARG B 207 6.63 -7.65 -21.60
CA ARG B 207 6.65 -7.65 -21.58
C ARG B 207 5.81 -6.40 -21.31
N GLY B 208 6.50 -5.29 -21.12
CA GLY B 208 5.89 -3.97 -20.97
C GLY B 208 5.16 -3.75 -19.64
N ALA B 209 5.22 -4.69 -18.70
CA ALA B 209 4.36 -4.65 -17.54
C ALA B 209 4.99 -3.91 -16.37
N SER B 210 4.12 -3.37 -15.55
CA SER B 210 4.50 -2.75 -14.32
C SER B 210 4.43 -3.73 -13.15
N HIS B 211 4.88 -3.25 -11.99
CA HIS B 211 4.86 -4.05 -10.77
C HIS B 211 3.46 -4.51 -10.41
N PHE B 212 2.44 -3.78 -10.84
CA PHE B 212 1.07 -4.01 -10.45
C PHE B 212 0.30 -4.88 -11.45
N ALA B 213 0.96 -5.42 -12.44
CA ALA B 213 0.32 -6.33 -13.37
C ALA B 213 -0.36 -7.50 -12.63
N PRO B 214 0.17 -8.06 -11.54
CA PRO B 214 -0.50 -9.16 -10.88
C PRO B 214 -1.79 -8.79 -10.14
N ASN B 215 -2.14 -7.51 -10.05
CA ASN B 215 -3.29 -7.09 -9.28
C ASN B 215 -4.56 -6.94 -10.11
N THR B 216 -4.48 -7.23 -11.40
CA THR B 216 -5.60 -7.25 -12.35
CA THR B 216 -5.72 -7.38 -12.15
C THR B 216 -5.61 -8.61 -13.04
N SER B 217 -6.76 -9.16 -13.33
CA SER B 217 -6.84 -10.39 -14.09
CA SER B 217 -6.84 -10.40 -14.08
C SER B 217 -5.92 -10.33 -15.30
N ASN B 218 -5.08 -11.35 -15.46
CA ASN B 218 -4.02 -11.38 -16.45
C ASN B 218 -3.89 -12.81 -16.93
N THR B 219 -4.19 -13.06 -18.20
CA THR B 219 -4.25 -14.40 -18.72
C THR B 219 -2.88 -15.08 -18.68
N THR B 220 -1.79 -14.33 -18.97
CA THR B 220 -0.46 -14.90 -18.95
C THR B 220 -0.09 -15.36 -17.54
N ILE B 221 -0.33 -14.50 -16.56
CA ILE B 221 -0.04 -14.87 -15.18
C ILE B 221 -0.86 -16.11 -14.81
N ALA B 222 -2.16 -16.10 -15.14
CA ALA B 222 -3.00 -17.21 -14.71
C ALA B 222 -2.59 -18.52 -15.36
N LYS B 223 -2.32 -18.50 -16.67
CA LYS B 223 -2.02 -19.68 -17.44
CA LYS B 223 -2.09 -19.76 -17.37
C LYS B 223 -0.79 -20.41 -16.86
N TYR B 224 0.26 -19.62 -16.60
CA TYR B 224 1.53 -20.21 -16.23
C TYR B 224 1.57 -20.52 -14.75
N THR B 225 0.89 -19.72 -13.92
CA THR B 225 0.74 -20.11 -12.51
C THR B 225 0.01 -21.44 -12.43
N LEU B 226 -1.09 -21.57 -13.20
CA LEU B 226 -1.86 -22.81 -13.25
CA LEU B 226 -1.86 -22.80 -13.29
C LEU B 226 -1.00 -23.98 -13.72
N ALA B 227 -0.29 -23.80 -14.83
CA ALA B 227 0.47 -24.91 -15.36
C ALA B 227 1.53 -25.36 -14.33
N TRP B 228 2.16 -24.39 -13.67
CA TRP B 228 3.18 -24.73 -12.66
C TRP B 228 2.57 -25.51 -11.50
N LEU B 229 1.45 -25.01 -10.99
CA LEU B 229 0.81 -25.67 -9.87
C LEU B 229 0.34 -27.06 -10.23
N LYS B 230 -0.26 -27.20 -11.44
CA LYS B 230 -0.64 -28.54 -11.90
C LYS B 230 0.55 -29.48 -12.02
N ARG B 231 1.63 -28.95 -12.59
CA ARG B 231 2.79 -29.78 -12.85
C ARG B 231 3.41 -30.30 -11.56
N TYR B 232 3.40 -29.48 -10.50
CA TYR B 232 4.15 -29.82 -9.29
C TYR B 232 3.31 -30.07 -8.06
N VAL B 233 2.14 -29.45 -7.90
CA VAL B 233 1.25 -29.85 -6.81
C VAL B 233 0.61 -31.19 -7.14
N ASP B 234 0.18 -31.38 -8.40
CA ASP B 234 -0.49 -32.62 -8.78
C ASP B 234 0.47 -33.54 -9.52
N ASP B 235 1.72 -33.16 -9.74
CA ASP B 235 2.66 -33.99 -10.50
C ASP B 235 2.08 -34.31 -11.87
N ASP B 236 1.33 -33.38 -12.45
CA ASP B 236 0.51 -33.64 -13.63
C ASP B 236 1.31 -33.33 -14.86
N THR B 237 1.81 -34.40 -15.49
CA THR B 237 2.68 -34.24 -16.63
C THR B 237 1.93 -33.83 -17.88
N ARG B 238 0.59 -33.81 -17.84
CA ARG B 238 -0.17 -33.24 -18.94
C ARG B 238 0.08 -31.75 -19.12
N TYR B 239 0.59 -31.05 -18.08
CA TYR B 239 0.85 -29.61 -18.14
C TYR B 239 2.30 -29.28 -18.48
N GLU B 240 3.15 -30.31 -18.64
CA GLU B 240 4.54 -30.05 -19.07
C GLU B 240 4.60 -29.40 -20.45
N GLN B 241 3.64 -29.74 -21.32
CA GLN B 241 3.59 -29.18 -22.65
C GLN B 241 3.57 -27.65 -22.68
N PHE B 242 3.06 -27.00 -21.63
CA PHE B 242 2.97 -25.54 -21.61
C PHE B 242 4.25 -24.89 -21.05
N LEU B 243 5.03 -25.67 -20.33
CA LEU B 243 6.21 -25.19 -19.62
C LEU B 243 7.48 -25.31 -20.44
N ALA B 244 7.48 -26.29 -21.36
CA ALA B 244 8.68 -26.59 -22.13
C ALA B 244 8.27 -26.84 -23.58
N PRO B 245 8.70 -26.00 -24.54
CA PRO B 245 9.68 -24.96 -24.35
C PRO B 245 9.15 -23.67 -23.74
N GLY B 246 7.85 -23.59 -23.50
CA GLY B 246 7.25 -22.41 -22.90
C GLY B 246 6.88 -21.33 -23.89
N PRO B 247 6.43 -20.17 -23.39
CA PRO B 247 5.93 -19.08 -24.21
C PRO B 247 6.97 -18.46 -25.13
N SER B 248 6.52 -18.07 -26.34
CA SER B 248 7.38 -17.40 -27.30
C SER B 248 7.70 -16.01 -26.77
N THR B 249 8.92 -15.54 -27.05
CA THR B 249 9.36 -14.23 -26.64
C THR B 249 9.59 -13.35 -27.86
N GLY B 250 8.97 -13.77 -28.97
CA GLY B 250 9.10 -13.08 -30.25
C GLY B 250 8.42 -11.73 -30.18
N PHE B 251 8.75 -10.84 -31.13
CA PHE B 251 8.07 -9.55 -31.26
C PHE B 251 6.54 -9.77 -31.23
N GLY B 252 5.85 -8.99 -30.39
CA GLY B 252 4.39 -9.08 -30.30
C GLY B 252 3.86 -9.95 -29.14
N SER B 253 4.71 -10.80 -28.54
CA SER B 253 4.33 -11.67 -27.44
CA SER B 253 4.22 -11.65 -27.47
C SER B 253 4.12 -10.86 -26.16
N ALA B 254 3.33 -11.43 -25.27
CA ALA B 254 3.16 -10.89 -23.93
C ALA B 254 4.35 -11.22 -23.01
N VAL B 255 5.29 -12.05 -23.47
CA VAL B 255 6.43 -12.50 -22.66
C VAL B 255 7.75 -12.00 -23.24
N SER B 256 8.53 -11.28 -22.47
CA SER B 256 9.81 -10.72 -22.94
C SER B 256 10.99 -11.64 -22.62
N ASP B 257 10.84 -12.59 -21.68
CA ASP B 257 11.92 -13.52 -21.37
C ASP B 257 11.29 -14.77 -20.75
N TYR B 258 11.86 -15.93 -20.97
CA TYR B 258 11.40 -17.16 -20.38
C TYR B 258 12.57 -18.11 -20.22
N ARG B 259 12.75 -18.62 -19.01
CA ARG B 259 13.83 -19.50 -18.63
C ARG B 259 13.23 -20.66 -17.86
N ILE B 260 13.53 -21.90 -18.23
CA ILE B 260 13.17 -23.02 -17.39
C ILE B 260 14.32 -24.01 -17.33
N GLN B 261 14.60 -24.59 -16.16
CA GLN B 261 15.64 -25.59 -16.01
C GLN B 261 15.35 -26.54 -14.85
C TRS C . -3.35 7.98 -12.92
C1 TRS C . -3.21 6.95 -14.03
C2 TRS C . -4.22 7.48 -11.77
C3 TRS C . -3.92 9.27 -13.51
N TRS C . -1.98 8.27 -12.39
O1 TRS C . -2.21 7.32 -14.98
O2 TRS C . -3.68 6.29 -11.19
O3 TRS C . -3.72 10.38 -12.67
C TRS D . -4.37 7.35 17.15
C1 TRS D . -5.53 7.93 17.97
C2 TRS D . -3.06 7.47 17.91
C3 TRS D . -4.28 8.14 15.82
N TRS D . -4.61 5.91 16.82
O1 TRS D . -5.88 7.06 19.05
O2 TRS D . -2.04 6.71 17.28
O3 TRS D . -5.37 7.78 15.00
C1 GOL E . 8.28 -3.71 -1.83
O1 GOL E . 7.12 -3.71 -1.01
C2 GOL E . 8.75 -2.28 -1.94
O2 GOL E . 7.60 -1.51 -2.28
C3 GOL E . 9.35 -1.77 -0.63
O3 GOL E . 10.16 -0.60 -0.76
C1 GOL F . 19.07 17.45 12.70
O1 GOL F . 19.25 18.11 13.95
C2 GOL F . 20.38 17.06 12.06
O2 GOL F . 20.59 15.69 12.33
C3 GOL F . 20.45 17.39 10.58
O3 GOL F . 21.40 16.62 9.84
CA CA G . 0.54 9.76 17.32
CA CA H . -20.41 12.93 8.46
C1 GOL I . -1.92 -1.72 -3.31
O1 GOL I . -1.78 -2.20 -4.64
C2 GOL I . -1.71 -0.22 -3.28
O2 GOL I . -2.54 0.40 -4.28
C3 GOL I . -1.94 0.41 -1.93
O3 GOL I . -2.36 -0.56 -0.99
C1 GOL J . -17.25 -36.92 -11.45
O1 GOL J . -16.44 -37.84 -10.74
C2 GOL J . -17.28 -37.25 -12.93
O2 GOL J . -17.83 -38.55 -13.10
C3 GOL J . -15.93 -37.22 -13.58
O3 GOL J . -15.18 -36.08 -13.19
C TRS K . 9.62 -32.05 -3.27
C1 TRS K . 8.82 -33.02 -4.12
C2 TRS K . 11.02 -31.80 -3.83
C3 TRS K . 8.89 -30.73 -3.10
N TRS K . 9.70 -32.66 -1.89
O1 TRS K . 7.65 -33.47 -3.48
O2 TRS K . 11.83 -32.98 -3.74
O3 TRS K . 9.50 -29.90 -2.11
C1 GOL L . 17.22 -9.66 -16.90
O1 GOL L . 18.09 -10.75 -16.61
C2 GOL L . 15.77 -10.07 -17.02
O2 GOL L . 14.92 -9.00 -16.58
C3 GOL L . 15.38 -10.51 -18.41
O3 GOL L . 16.14 -9.83 -19.41
C1 EDO M . -17.54 -18.19 -10.11
O1 EDO M . -17.10 -18.32 -11.42
C2 EDO M . -16.46 -17.89 -9.17
O2 EDO M . -16.25 -16.49 -8.98
C1 GOL N . -9.70 -36.70 -18.48
O1 GOL N . -10.23 -37.55 -17.46
C2 GOL N . -9.77 -37.30 -19.88
O2 GOL N . -10.31 -38.62 -19.86
C3 GOL N . -10.57 -36.43 -20.82
O3 GOL N . -9.84 -35.27 -21.23
CA CA O . 5.12 -32.57 -6.40
CA CA P . 19.44 -16.65 1.86
#